data_4EO5
#
_entry.id   4EO5
#
_cell.length_a   97.691
_cell.length_b   97.691
_cell.length_c   115.072
_cell.angle_alpha   90.00
_cell.angle_beta   90.00
_cell.angle_gamma   120.00
#
_symmetry.space_group_name_H-M   'P 31 2 1'
#
loop_
_entity.id
_entity.type
_entity.pdbx_description
1 polymer 'Histone chaperone ASF1'
2 polymer 'Histone H3.2'
3 polymer 'Histone H4'
4 non-polymer 'ACETATE ION'
5 non-polymer GLYCEROL
6 water water
#
loop_
_entity_poly.entity_id
_entity_poly.type
_entity_poly.pdbx_seq_one_letter_code
_entity_poly.pdbx_strand_id
1 'polypeptide(L)'
;SSIVSLLGIKVLNNPAKFTDPYEFEITFECLESLKHDLEWKLTYVGSSRSLDHDQELDSILVGPVPVGVNKFVFSADPPS
AELIPASELVSVTVILLSCSYDGREFVRVGYYVNNEYDEEELRENPPAKVQVDHIVRNILAEKPRVTRFNIVWDNENEGD
LYPPEQPGV
;
A
2 'polypeptide(L)' ALIRKLPFQRLVREIAQDFKTDLRFQSSAVMALQEASEAYLVALFEDTNLCAIHAKRVTIMPKDIQLARRIRGERA B
3 'polypeptide(L)'
;KVLRDNIQGITKPAIRRLARRGGVKRISGLIYEETRGVLKVFLENVIRDAVTYTEHAKRKTVTAMDVVYALKRQPRTLYG
FGG
;
C
#
loop_
_chem_comp.id
_chem_comp.type
_chem_comp.name
_chem_comp.formula
ACT non-polymer 'ACETATE ION' 'C2 H3 O2 -1'
GOL non-polymer GLYCEROL 'C3 H8 O3'
#
# COMPACT_ATOMS: atom_id res chain seq x y z
N SER A 1 18.09 -10.16 -6.29
CA SER A 1 18.23 -8.69 -6.52
C SER A 1 17.87 -8.32 -7.96
N SER A 2 17.28 -7.13 -8.14
CA SER A 2 16.68 -6.73 -9.41
C SER A 2 17.59 -6.60 -10.64
N ILE A 3 17.23 -7.31 -11.71
CA ILE A 3 17.88 -7.12 -13.01
C ILE A 3 17.35 -5.86 -13.69
N VAL A 4 16.06 -5.61 -13.51
CA VAL A 4 15.46 -4.38 -14.00
C VAL A 4 15.14 -3.46 -12.84
N SER A 5 15.60 -2.24 -12.93
CA SER A 5 15.22 -1.26 -11.95
C SER A 5 14.70 0.01 -12.63
N LEU A 6 13.68 0.59 -12.01
CA LEU A 6 13.05 1.81 -12.47
C LEU A 6 13.91 2.97 -12.00
N LEU A 7 14.24 3.89 -12.91
CA LEU A 7 15.10 5.02 -12.53
C LEU A 7 14.34 6.34 -12.30
N GLY A 8 13.21 6.53 -12.95
CA GLY A 8 12.44 7.77 -12.82
C GLY A 8 11.11 7.72 -13.56
N ILE A 9 10.19 8.58 -13.15
CA ILE A 9 8.93 8.73 -13.85
C ILE A 9 8.63 10.20 -13.86
N LYS A 10 8.20 10.71 -14.99
CA LYS A 10 7.82 12.10 -15.12
C LYS A 10 6.36 12.13 -15.46
N VAL A 11 5.59 12.92 -14.71
CA VAL A 11 4.18 13.13 -15.00
C VAL A 11 4.11 14.36 -15.87
N LEU A 12 3.76 14.19 -17.14
CA LEU A 12 3.96 15.29 -18.11
C LEU A 12 2.88 16.35 -18.15
N ASN A 13 1.63 15.96 -17.95
CA ASN A 13 0.54 16.93 -18.11
C ASN A 13 -0.25 17.01 -16.84
N ASN A 14 0.07 18.01 -16.03
CA ASN A 14 -0.48 18.05 -14.69
C ASN A 14 -0.45 19.45 -14.08
N PRO A 15 -1.57 19.94 -13.51
CA PRO A 15 -2.93 19.36 -13.43
C PRO A 15 -3.60 19.25 -14.80
N ALA A 16 -4.76 18.59 -14.84
CA ALA A 16 -5.40 18.27 -16.11
C ALA A 16 -6.88 18.07 -15.92
N LYS A 17 -7.62 17.98 -17.03
CA LYS A 17 -9.02 17.66 -16.96
C LYS A 17 -9.19 16.18 -16.62
N PHE A 18 -10.24 15.85 -15.88
CA PHE A 18 -10.57 14.47 -15.62
C PHE A 18 -10.46 13.61 -16.88
N THR A 19 -11.00 14.12 -18.00
CA THR A 19 -11.03 13.41 -19.28
C THR A 19 -9.76 13.53 -20.14
N ASP A 20 -8.74 14.22 -19.68
CA ASP A 20 -7.47 14.23 -20.41
C ASP A 20 -6.73 12.89 -20.24
N PRO A 21 -5.95 12.52 -21.27
CA PRO A 21 -5.10 11.34 -21.16
C PRO A 21 -3.95 11.58 -20.16
N TYR A 22 -3.41 10.49 -19.60
CA TYR A 22 -2.29 10.56 -18.69
C TYR A 22 -1.01 10.37 -19.48
N GLU A 23 -0.08 11.32 -19.38
CA GLU A 23 1.16 11.21 -20.12
C GLU A 23 2.30 11.00 -19.17
N PHE A 24 3.09 9.97 -19.43
CA PHE A 24 4.22 9.63 -18.57
C PHE A 24 5.46 9.41 -19.38
N GLU A 25 6.59 9.82 -18.80
CA GLU A 25 7.84 9.37 -19.32
C GLU A 25 8.43 8.46 -18.26
N ILE A 26 8.71 7.24 -18.67
CA ILE A 26 9.26 6.27 -17.78
C ILE A 26 10.68 5.95 -18.17
N THR A 27 11.58 5.96 -17.19
CA THR A 27 12.96 5.58 -17.42
C THR A 27 13.36 4.40 -16.53
N PHE A 28 13.94 3.37 -17.12
CA PHE A 28 14.37 2.19 -16.36
C PHE A 28 15.67 1.64 -16.87
N GLU A 29 16.29 0.77 -16.08
CA GLU A 29 17.54 0.17 -16.46
C GLU A 29 17.42 -1.36 -16.47
N CYS A 30 17.93 -1.97 -17.52
CA CYS A 30 18.00 -3.41 -17.59
C CYS A 30 19.47 -3.80 -17.65
N LEU A 31 19.92 -4.56 -16.65
CA LEU A 31 21.36 -4.80 -16.46
C LEU A 31 21.93 -5.94 -17.29
N GLU A 32 21.10 -6.94 -17.62
CA GLU A 32 21.54 -8.06 -18.45
CA GLU A 32 21.53 -8.08 -18.43
C GLU A 32 20.37 -8.63 -19.25
N SER A 33 20.68 -9.42 -20.28
CA SER A 33 19.65 -10.02 -21.13
C SER A 33 18.64 -10.77 -20.29
N LEU A 34 17.38 -10.60 -20.63
CA LEU A 34 16.34 -11.39 -20.02
C LEU A 34 15.64 -12.21 -21.09
N LYS A 35 15.17 -13.39 -20.71
CA LYS A 35 14.42 -14.25 -21.61
C LYS A 35 12.99 -13.74 -21.83
N HIS A 36 12.40 -13.10 -20.84
CA HIS A 36 10.96 -12.89 -20.90
C HIS A 36 10.56 -11.44 -21.01
N ASP A 37 9.26 -11.18 -20.95
CA ASP A 37 8.72 -9.86 -21.17
C ASP A 37 8.57 -9.01 -19.90
N LEU A 38 8.73 -7.70 -20.06
CA LEU A 38 8.32 -6.70 -19.09
C LEU A 38 6.92 -6.19 -19.43
N GLU A 39 6.11 -5.96 -18.41
CA GLU A 39 4.80 -5.38 -18.65
C GLU A 39 4.49 -4.27 -17.66
N TRP A 40 4.26 -3.08 -18.18
CA TRP A 40 3.93 -1.89 -17.38
C TRP A 40 2.44 -1.70 -17.43
N LYS A 41 1.82 -1.52 -16.26
CA LYS A 41 0.37 -1.32 -16.22
CA LYS A 41 0.37 -1.36 -16.20
C LYS A 41 0.05 -0.08 -15.43
N LEU A 42 -1.00 0.62 -15.85
CA LEU A 42 -1.46 1.82 -15.18
C LEU A 42 -2.87 1.51 -14.69
N THR A 43 -3.08 1.56 -13.38
CA THR A 43 -4.41 1.31 -12.82
C THR A 43 -4.94 2.55 -12.10
N TYR A 44 -6.22 2.84 -12.30
CA TYR A 44 -6.88 3.92 -11.58
C TYR A 44 -7.72 3.30 -10.49
N VAL A 45 -7.55 3.76 -9.26
CA VAL A 45 -8.36 3.20 -8.18
C VAL A 45 -9.72 3.89 -8.15
N GLY A 46 -10.75 3.16 -8.54
CA GLY A 46 -12.09 3.73 -8.63
C GLY A 46 -12.75 3.91 -7.28
N SER A 47 -12.45 3.04 -6.33
CA SER A 47 -13.07 3.15 -5.02
C SER A 47 -12.10 2.66 -3.97
N SER A 48 -12.06 3.35 -2.83
CA SER A 48 -11.18 2.94 -1.78
C SER A 48 -11.76 1.79 -0.97
N ARG A 49 -13.04 1.50 -1.16
N ARG A 49 -13.05 1.49 -1.11
CA ARG A 49 -13.74 0.46 -0.40
CA ARG A 49 -13.63 0.40 -0.31
C ARG A 49 -13.52 -0.95 -0.93
C ARG A 49 -13.35 -1.00 -0.85
N SER A 50 -12.96 -1.08 -2.13
CA SER A 50 -12.74 -2.39 -2.75
C SER A 50 -11.95 -2.32 -4.07
N LEU A 51 -11.27 -3.41 -4.38
CA LEU A 51 -10.49 -3.54 -5.60
C LEU A 51 -11.40 -3.73 -6.79
N ASP A 52 -12.67 -4.01 -6.52
CA ASP A 52 -13.65 -4.32 -7.57
C ASP A 52 -13.88 -3.14 -8.49
N HIS A 53 -13.48 -1.94 -8.07
CA HIS A 53 -13.72 -0.79 -8.91
C HIS A 53 -12.46 -0.29 -9.58
N ASP A 54 -11.40 -1.08 -9.54
CA ASP A 54 -10.18 -0.68 -10.22
C ASP A 54 -10.43 -0.64 -11.71
N GLN A 55 -9.83 0.32 -12.40
CA GLN A 55 -9.86 0.33 -13.84
C GLN A 55 -8.45 0.28 -14.40
N GLU A 56 -8.15 -0.76 -15.16
N GLU A 56 -8.15 -0.75 -15.17
CA GLU A 56 -6.88 -0.81 -15.83
CA GLU A 56 -6.85 -0.84 -15.85
C GLU A 56 -6.99 0.20 -16.97
C GLU A 56 -6.89 0.09 -17.05
N LEU A 57 -6.02 1.10 -17.05
CA LEU A 57 -6.06 2.14 -18.08
C LEU A 57 -5.21 1.82 -19.28
N ASP A 58 -4.09 1.14 -19.05
CA ASP A 58 -3.17 0.90 -20.14
C ASP A 58 -2.24 -0.22 -19.74
N SER A 59 -1.55 -0.78 -20.72
CA SER A 59 -0.60 -1.85 -20.48
C SER A 59 0.41 -1.88 -21.62
N ILE A 60 1.68 -1.73 -21.30
CA ILE A 60 2.72 -1.75 -22.31
C ILE A 60 3.54 -3.00 -22.11
N LEU A 61 3.50 -3.87 -23.11
CA LEU A 61 4.19 -5.15 -23.07
C LEU A 61 5.46 -5.07 -23.95
N VAL A 62 6.62 -5.26 -23.32
CA VAL A 62 7.88 -5.15 -24.03
C VAL A 62 8.69 -6.47 -23.99
N GLY A 63 9.03 -7.01 -25.15
CA GLY A 63 9.88 -8.20 -25.20
C GLY A 63 10.46 -8.40 -26.58
N PRO A 64 11.77 -8.75 -26.66
CA PRO A 64 12.71 -8.84 -25.53
C PRO A 64 13.06 -7.48 -24.95
N VAL A 65 13.62 -7.47 -23.74
CA VAL A 65 13.95 -6.21 -23.10
C VAL A 65 15.31 -5.73 -23.59
N PRO A 66 15.42 -4.49 -24.06
CA PRO A 66 16.78 -4.11 -24.46
C PRO A 66 17.64 -3.83 -23.23
N VAL A 67 18.90 -4.26 -23.27
CA VAL A 67 19.84 -4.10 -22.15
C VAL A 67 20.22 -2.64 -22.05
N GLY A 68 20.41 -2.11 -20.84
CA GLY A 68 20.82 -0.71 -20.69
C GLY A 68 19.69 0.23 -20.28
N VAL A 69 19.94 1.53 -20.36
CA VAL A 69 18.92 2.51 -20.00
C VAL A 69 17.83 2.62 -21.06
N ASN A 70 16.58 2.39 -20.65
CA ASN A 70 15.44 2.49 -21.54
C ASN A 70 14.58 3.66 -21.13
N LYS A 71 14.18 4.49 -22.08
CA LYS A 71 13.36 5.65 -21.78
C LYS A 71 12.21 5.67 -22.75
N PHE A 72 11.00 5.80 -22.24
CA PHE A 72 9.85 5.85 -23.12
C PHE A 72 8.66 6.65 -22.58
N VAL A 73 7.95 7.27 -23.52
CA VAL A 73 6.80 8.12 -23.23
C VAL A 73 5.57 7.38 -23.69
N PHE A 74 4.49 7.49 -22.93
CA PHE A 74 3.23 6.94 -23.40
C PHE A 74 2.06 7.80 -22.94
N SER A 75 0.90 7.56 -23.55
CA SER A 75 -0.27 8.29 -23.23
C SER A 75 -1.40 7.31 -22.94
N ALA A 76 -1.95 7.36 -21.75
CA ALA A 76 -3.01 6.43 -21.36
C ALA A 76 -4.37 7.12 -21.32
N ASP A 77 -5.42 6.45 -21.78
CA ASP A 77 -6.76 7.04 -21.72
C ASP A 77 -7.25 7.15 -20.27
N PRO A 78 -8.09 8.15 -19.97
CA PRO A 78 -8.54 8.35 -18.59
C PRO A 78 -9.54 7.27 -18.21
N PRO A 79 -9.83 7.12 -16.91
CA PRO A 79 -10.86 6.19 -16.50
C PRO A 79 -12.21 6.68 -17.00
N SER A 80 -13.19 5.79 -17.08
CA SER A 80 -14.51 6.27 -17.43
C SER A 80 -15.34 6.53 -16.17
N ALA A 81 -15.97 7.70 -16.13
CA ALA A 81 -16.69 8.14 -14.94
C ALA A 81 -17.87 7.22 -14.57
N GLU A 82 -18.61 6.75 -15.59
CA GLU A 82 -19.76 5.89 -15.35
CA GLU A 82 -19.76 5.88 -15.39
C GLU A 82 -19.43 4.69 -14.48
N LEU A 83 -18.19 4.21 -14.53
CA LEU A 83 -17.83 3.03 -13.74
C LEU A 83 -17.43 3.35 -12.29
N ILE A 84 -17.29 4.62 -11.96
CA ILE A 84 -16.87 5.01 -10.61
C ILE A 84 -18.07 5.33 -9.69
N PRO A 85 -18.13 4.71 -8.50
CA PRO A 85 -19.20 5.06 -7.58
C PRO A 85 -19.34 6.56 -7.44
N ALA A 86 -20.55 7.05 -7.68
CA ALA A 86 -20.86 8.48 -7.71
C ALA A 86 -20.23 9.27 -6.56
N SER A 87 -20.39 8.76 -5.33
CA SER A 87 -19.93 9.51 -4.16
C SER A 87 -18.42 9.57 -4.03
N GLU A 88 -17.71 8.85 -4.89
CA GLU A 88 -16.27 8.85 -4.82
C GLU A 88 -15.63 9.50 -6.02
N LEU A 89 -16.45 9.85 -6.99
CA LEU A 89 -15.93 10.39 -8.23
C LEU A 89 -15.09 11.65 -7.99
N VAL A 90 -15.68 12.63 -7.31
CA VAL A 90 -15.04 13.91 -7.14
C VAL A 90 -14.33 14.01 -5.79
N SER A 91 -13.42 13.09 -5.54
CA SER A 91 -12.63 13.17 -4.34
C SER A 91 -11.26 12.61 -4.64
N VAL A 92 -10.43 12.51 -3.62
CA VAL A 92 -9.08 12.05 -3.81
C VAL A 92 -9.09 10.56 -4.10
N THR A 93 -8.15 10.11 -4.92
CA THR A 93 -7.91 8.69 -5.06
C THR A 93 -6.45 8.43 -5.33
N VAL A 94 -6.14 7.25 -5.85
CA VAL A 94 -4.78 6.80 -6.13
C VAL A 94 -4.71 6.25 -7.58
N ILE A 95 -3.59 6.49 -8.27
CA ILE A 95 -3.25 5.71 -9.47
C ILE A 95 -1.97 4.90 -9.22
N LEU A 96 -1.87 3.75 -9.88
CA LEU A 96 -0.76 2.82 -9.68
C LEU A 96 -0.06 2.46 -10.98
N LEU A 97 1.23 2.69 -11.02
CA LEU A 97 2.05 2.18 -12.09
C LEU A 97 2.81 0.97 -11.61
N SER A 98 2.57 -0.19 -12.21
CA SER A 98 3.35 -1.36 -11.84
C SER A 98 4.08 -1.95 -13.02
N CYS A 99 5.10 -2.72 -12.72
CA CYS A 99 5.81 -3.45 -13.73
C CYS A 99 5.98 -4.90 -13.30
N SER A 100 5.91 -5.81 -14.27
N SER A 100 5.93 -5.80 -14.27
CA SER A 100 6.07 -7.23 -14.02
CA SER A 100 6.10 -7.22 -14.02
C SER A 100 7.09 -7.85 -14.96
C SER A 100 7.13 -7.82 -14.94
N TYR A 101 7.77 -8.89 -14.48
CA TYR A 101 8.67 -9.64 -15.30
C TYR A 101 8.10 -11.04 -15.43
N ASP A 102 7.94 -11.50 -16.66
CA ASP A 102 7.30 -12.79 -16.92
C ASP A 102 6.07 -12.92 -16.03
N GLY A 103 5.27 -11.87 -15.96
CA GLY A 103 4.03 -11.92 -15.18
C GLY A 103 4.21 -11.83 -13.67
N ARG A 104 5.45 -11.64 -13.19
CA ARG A 104 5.73 -11.50 -11.74
C ARG A 104 6.04 -10.04 -11.37
N GLU A 105 5.19 -9.43 -10.55
CA GLU A 105 5.32 -8.01 -10.24
C GLU A 105 6.51 -7.74 -9.32
N PHE A 106 7.36 -6.80 -9.70
CA PHE A 106 8.55 -6.51 -8.92
C PHE A 106 8.65 -5.05 -8.41
N VAL A 107 7.82 -4.17 -8.95
CA VAL A 107 7.79 -2.78 -8.51
C VAL A 107 6.42 -2.15 -8.72
N ARG A 108 5.99 -1.35 -7.77
CA ARG A 108 4.73 -0.65 -7.91
C ARG A 108 4.90 0.81 -7.48
N VAL A 109 4.43 1.76 -8.29
CA VAL A 109 4.49 3.19 -7.97
C VAL A 109 3.11 3.82 -7.84
N GLY A 110 2.83 4.37 -6.67
CA GLY A 110 1.54 4.97 -6.37
C GLY A 110 1.64 6.49 -6.27
N TYR A 111 0.59 7.15 -6.73
CA TYR A 111 0.47 8.59 -6.57
C TYR A 111 -0.92 8.91 -6.12
N TYR A 112 -1.03 9.93 -5.29
CA TYR A 112 -2.33 10.45 -4.96
C TYR A 112 -2.81 11.36 -6.09
N VAL A 113 -4.12 11.33 -6.32
CA VAL A 113 -4.73 12.15 -7.34
C VAL A 113 -5.98 12.78 -6.76
N ASN A 114 -5.99 14.10 -6.68
CA ASN A 114 -7.17 14.78 -6.21
C ASN A 114 -8.08 15.18 -7.37
N ASN A 115 -9.38 15.06 -7.15
CA ASN A 115 -10.37 15.53 -8.13
C ASN A 115 -11.25 16.56 -7.52
N GLU A 116 -11.46 17.63 -8.28
CA GLU A 116 -12.08 18.84 -7.76
C GLU A 116 -12.81 19.56 -8.89
N TYR A 117 -13.96 20.13 -8.58
CA TYR A 117 -14.66 20.97 -9.55
C TYR A 117 -13.84 22.23 -9.83
N ASP A 118 -13.81 22.67 -11.09
CA ASP A 118 -12.98 23.82 -11.47
C ASP A 118 -13.54 25.21 -11.12
N GLU A 119 -14.77 25.26 -10.59
CA GLU A 119 -15.36 26.57 -10.24
C GLU A 119 -16.00 26.65 -8.85
N GLU A 120 -15.87 27.83 -8.23
N GLU A 120 -15.87 27.83 -8.23
CA GLU A 120 -16.31 28.07 -6.85
CA GLU A 120 -16.31 28.07 -6.85
C GLU A 120 -17.70 27.53 -6.51
C GLU A 120 -17.70 27.53 -6.51
N GLU A 121 -18.70 27.94 -7.30
CA GLU A 121 -20.08 27.61 -6.99
C GLU A 121 -20.40 26.11 -7.02
N LEU A 122 -19.73 25.37 -7.91
CA LEU A 122 -19.90 23.93 -7.95
C LEU A 122 -19.20 23.24 -6.77
N ARG A 123 -17.99 23.69 -6.44
CA ARG A 123 -17.25 23.19 -5.27
C ARG A 123 -18.07 23.28 -3.98
N GLU A 124 -18.65 24.45 -3.74
CA GLU A 124 -19.46 24.67 -2.54
C GLU A 124 -20.84 24.03 -2.62
N ASN A 125 -21.35 23.80 -3.83
CA ASN A 125 -22.69 23.22 -4.01
C ASN A 125 -22.71 22.19 -5.13
N PRO A 126 -22.10 21.02 -4.90
CA PRO A 126 -22.00 20.02 -5.95
C PRO A 126 -23.37 19.55 -6.39
N PRO A 127 -23.57 19.34 -7.70
CA PRO A 127 -24.85 18.91 -8.26
C PRO A 127 -25.10 17.42 -8.08
N ALA A 128 -26.38 17.04 -8.01
CA ALA A 128 -26.77 15.64 -7.94
C ALA A 128 -26.24 14.90 -9.16
N LYS A 129 -26.31 15.56 -10.33
CA LYS A 129 -25.70 15.05 -11.56
C LYS A 129 -24.25 15.52 -11.69
N VAL A 130 -23.33 14.57 -11.50
CA VAL A 130 -21.90 14.84 -11.62
C VAL A 130 -21.55 15.40 -13.00
N GLN A 131 -20.99 16.61 -13.02
CA GLN A 131 -20.60 17.23 -14.28
C GLN A 131 -19.12 17.00 -14.55
N VAL A 132 -18.86 15.85 -15.16
CA VAL A 132 -17.52 15.36 -15.47
C VAL A 132 -16.61 16.39 -16.15
N ASP A 133 -17.19 17.17 -17.07
CA ASP A 133 -16.41 18.13 -17.86
C ASP A 133 -15.82 19.27 -17.05
N HIS A 134 -16.29 19.45 -15.82
CA HIS A 134 -15.75 20.46 -14.93
C HIS A 134 -14.80 19.91 -13.85
N ILE A 135 -14.53 18.62 -13.90
CA ILE A 135 -13.63 18.03 -12.92
C ILE A 135 -12.18 18.19 -13.37
N VAL A 136 -11.38 18.79 -12.52
CA VAL A 136 -9.94 18.91 -12.75
C VAL A 136 -9.20 17.96 -11.80
N ARG A 137 -8.16 17.29 -12.32
CA ARG A 137 -7.39 16.35 -11.50
C ARG A 137 -5.98 16.84 -11.25
N ASN A 138 -5.47 16.52 -10.08
CA ASN A 138 -4.14 16.94 -9.71
C ASN A 138 -3.39 15.76 -9.07
N ILE A 139 -2.36 15.30 -9.77
CA ILE A 139 -1.52 14.19 -9.32
C ILE A 139 -0.39 14.75 -8.45
N LEU A 140 -0.21 14.18 -7.26
CA LEU A 140 0.90 14.54 -6.38
C LEU A 140 2.19 13.95 -6.91
N ALA A 141 2.70 14.57 -7.98
CA ALA A 141 3.78 14.03 -8.79
C ALA A 141 5.08 14.10 -8.04
N GLU A 142 5.19 15.07 -7.13
CA GLU A 142 6.39 15.17 -6.32
C GLU A 142 6.53 14.11 -5.24
N LYS A 143 5.47 13.32 -4.99
CA LYS A 143 5.54 12.30 -3.92
C LYS A 143 5.17 10.85 -4.35
N PRO A 144 5.94 10.27 -5.29
CA PRO A 144 5.75 8.89 -5.65
C PRO A 144 6.04 8.00 -4.45
N ARG A 145 5.17 7.03 -4.21
CA ARG A 145 5.42 5.98 -3.24
C ARG A 145 5.78 4.71 -4.00
N VAL A 146 7.02 4.27 -3.82
CA VAL A 146 7.62 3.19 -4.61
C VAL A 146 7.87 1.96 -3.76
N THR A 147 7.29 0.85 -4.17
CA THR A 147 7.40 -0.35 -3.41
C THR A 147 7.98 -1.47 -4.23
N ARG A 148 9.06 -2.07 -3.76
CA ARG A 148 9.67 -3.20 -4.50
C ARG A 148 9.30 -4.53 -3.91
N PHE A 149 9.24 -5.54 -4.78
CA PHE A 149 9.02 -6.91 -4.36
C PHE A 149 10.14 -7.72 -4.96
N ASN A 150 10.71 -8.64 -4.18
CA ASN A 150 11.68 -9.60 -4.72
C ASN A 150 10.98 -10.65 -5.54
N ILE A 151 11.53 -10.95 -6.71
CA ILE A 151 10.98 -12.02 -7.51
C ILE A 151 12.12 -12.84 -8.07
N VAL A 152 11.79 -13.97 -8.68
CA VAL A 152 12.78 -14.69 -9.44
C VAL A 152 12.84 -14.14 -10.87
N TRP A 153 14.03 -13.74 -11.30
CA TRP A 153 14.26 -13.34 -12.68
C TRP A 153 14.49 -14.60 -13.54
N ASP A 154 15.71 -14.84 -14.03
CA ASP A 154 15.95 -16.09 -14.77
C ASP A 154 16.76 -17.17 -14.00
N ASN A 155 16.18 -17.79 -12.95
CA ASN A 155 16.87 -18.86 -12.15
C ASN A 155 16.03 -19.89 -11.38
N GLY A 159 18.00 -19.27 -4.49
CA GLY A 159 17.73 -20.51 -3.75
C GLY A 159 16.97 -20.30 -2.44
N ASP A 160 15.75 -19.81 -2.54
CA ASP A 160 14.85 -19.68 -1.41
C ASP A 160 14.48 -21.04 -0.83
N LEU A 161 14.60 -21.23 0.47
CA LEU A 161 14.22 -22.51 1.05
C LEU A 161 12.73 -22.55 1.38
N TYR A 162 12.09 -21.38 1.41
CA TYR A 162 10.64 -21.26 1.59
C TYR A 162 10.01 -20.49 0.43
N PRO A 163 10.06 -21.06 -0.79
CA PRO A 163 9.51 -20.30 -1.95
C PRO A 163 7.98 -20.18 -1.90
N PRO A 164 7.41 -19.13 -2.58
CA PRO A 164 5.97 -18.87 -2.78
C PRO A 164 5.17 -20.11 -3.20
N ALA B 1 7.60 1.44 22.82
CA ALA B 1 7.37 2.62 23.71
C ALA B 1 5.95 3.17 23.61
N LEU B 2 5.48 3.47 22.40
CA LEU B 2 4.20 4.17 22.22
C LEU B 2 2.96 3.35 22.61
N ILE B 3 3.04 2.03 22.50
CA ILE B 3 1.89 1.18 22.85
C ILE B 3 2.23 0.21 24.00
N ARG B 4 1.25 -0.09 24.83
CA ARG B 4 1.42 -0.93 26.01
C ARG B 4 1.65 -2.40 25.64
N LYS B 5 2.51 -3.08 26.38
CA LYS B 5 2.98 -4.40 25.97
C LYS B 5 1.98 -5.54 26.14
N LEU B 6 1.19 -5.52 27.20
CA LEU B 6 0.30 -6.64 27.52
C LEU B 6 -0.92 -6.80 26.64
N PRO B 7 -1.61 -5.69 26.31
CA PRO B 7 -2.71 -5.91 25.39
C PRO B 7 -2.19 -6.49 24.08
N PHE B 8 -1.09 -5.93 23.60
CA PHE B 8 -0.50 -6.32 22.33
C PHE B 8 -0.11 -7.78 22.37
N GLN B 9 0.52 -8.17 23.45
CA GLN B 9 1.00 -9.53 23.59
C GLN B 9 -0.18 -10.50 23.56
N ARG B 10 -1.30 -10.13 24.18
CA ARG B 10 -2.43 -11.03 24.10
C ARG B 10 -3.02 -11.15 22.69
N LEU B 11 -3.02 -10.07 21.93
CA LEU B 11 -3.51 -10.15 20.55
C LEU B 11 -2.65 -11.10 19.69
N VAL B 12 -1.34 -10.97 19.81
CA VAL B 12 -0.38 -11.87 19.17
C VAL B 12 -0.70 -13.33 19.52
N ARG B 13 -0.94 -13.61 20.81
CA ARG B 13 -1.25 -14.99 21.20
C ARG B 13 -2.52 -15.44 20.52
N GLU B 14 -3.53 -14.56 20.46
CA GLU B 14 -4.81 -14.97 19.88
CA GLU B 14 -4.83 -14.94 19.86
C GLU B 14 -4.68 -15.28 18.38
N ILE B 15 -3.85 -14.51 17.69
CA ILE B 15 -3.60 -14.77 16.26
C ILE B 15 -2.77 -16.04 16.07
N ALA B 16 -1.70 -16.19 16.85
CA ALA B 16 -0.92 -17.42 16.83
C ALA B 16 -1.82 -18.64 17.03
N GLN B 17 -2.79 -18.53 17.93
CA GLN B 17 -3.63 -19.68 18.25
CA GLN B 17 -3.70 -19.63 18.27
C GLN B 17 -4.45 -20.16 17.05
N ASP B 18 -4.37 -19.46 15.92
CA ASP B 18 -5.02 -19.95 14.71
C ASP B 18 -4.05 -20.79 13.89
N PHE B 19 -2.82 -20.33 13.75
CA PHE B 19 -1.82 -21.09 13.01
C PHE B 19 -1.27 -22.34 13.73
N LYS B 20 -1.11 -22.27 15.06
CA LYS B 20 -0.50 -23.33 15.85
C LYS B 20 -0.88 -23.27 17.33
N THR B 21 -1.54 -24.31 17.82
CA THR B 21 -1.94 -24.37 19.24
C THR B 21 -0.75 -24.31 20.20
N ASP B 22 -0.99 -23.69 21.35
CA ASP B 22 0.04 -23.37 22.39
CA ASP B 22 0.03 -23.52 22.39
C ASP B 22 1.47 -23.29 21.89
N LEU B 23 1.66 -22.51 20.85
CA LEU B 23 3.01 -22.12 20.49
C LEU B 23 3.18 -20.75 21.15
N ARG B 24 4.20 -20.57 21.97
CA ARG B 24 4.42 -19.30 22.61
C ARG B 24 5.58 -18.52 21.94
N PHE B 25 5.61 -17.21 22.17
CA PHE B 25 6.67 -16.34 21.66
C PHE B 25 7.66 -16.00 22.77
N GLN B 26 8.93 -15.90 22.45
CA GLN B 26 9.84 -15.35 23.43
C GLN B 26 9.55 -13.85 23.59
N SER B 27 9.85 -13.30 24.77
N SER B 27 9.84 -13.32 24.77
CA SER B 27 9.52 -11.92 25.01
CA SER B 27 9.56 -11.91 25.03
C SER B 27 10.28 -10.99 24.06
C SER B 27 10.23 -11.04 23.97
N SER B 28 11.46 -11.39 23.59
CA SER B 28 12.18 -10.57 22.63
C SER B 28 11.57 -10.70 21.22
N ALA B 29 10.87 -11.81 20.97
CA ALA B 29 10.15 -11.98 19.71
C ALA B 29 8.92 -11.08 19.67
N VAL B 30 8.16 -11.04 20.75
CA VAL B 30 7.00 -10.18 20.86
C VAL B 30 7.41 -8.71 20.73
N MET B 31 8.49 -8.36 21.41
CA MET B 31 9.02 -7.01 21.38
CA MET B 31 8.98 -6.98 21.35
C MET B 31 9.40 -6.60 19.94
N ALA B 32 10.08 -7.47 19.22
CA ALA B 32 10.40 -7.15 17.82
C ALA B 32 9.11 -6.92 16.98
N LEU B 33 8.09 -7.76 17.18
CA LEU B 33 6.80 -7.58 16.50
C LEU B 33 6.14 -6.26 16.87
N GLN B 34 6.24 -5.90 18.14
CA GLN B 34 5.62 -4.71 18.67
C GLN B 34 6.26 -3.45 18.07
N GLU B 35 7.59 -3.41 18.06
CA GLU B 35 8.32 -2.33 17.39
C GLU B 35 8.02 -2.23 15.89
N ALA B 36 7.98 -3.36 15.20
CA ALA B 36 7.64 -3.33 13.78
C ALA B 36 6.22 -2.83 13.56
N SER B 37 5.30 -3.19 14.46
CA SER B 37 3.89 -2.81 14.31
C SER B 37 3.72 -1.30 14.49
N GLU B 38 4.40 -0.73 15.49
CA GLU B 38 4.39 0.69 15.70
C GLU B 38 4.96 1.42 14.49
N ALA B 39 6.13 1.01 14.01
CA ALA B 39 6.76 1.65 12.85
C ALA B 39 5.87 1.52 11.60
N TYR B 40 5.16 0.40 11.50
CA TYR B 40 4.26 0.18 10.37
C TYR B 40 3.06 1.11 10.45
N LEU B 41 2.49 1.26 11.64
CA LEU B 41 1.33 2.15 11.79
C LEU B 41 1.68 3.63 11.63
N VAL B 42 2.82 4.03 12.19
CA VAL B 42 3.31 5.38 12.03
C VAL B 42 3.49 5.73 10.54
N ALA B 43 4.15 4.85 9.78
CA ALA B 43 4.35 5.08 8.37
C ALA B 43 3.01 5.14 7.63
N LEU B 44 2.12 4.23 7.96
CA LEU B 44 0.78 4.25 7.37
C LEU B 44 0.09 5.60 7.66
N PHE B 45 0.13 6.04 8.92
CA PHE B 45 -0.48 7.32 9.26
C PHE B 45 0.17 8.51 8.48
N GLU B 46 1.47 8.47 8.24
CA GLU B 46 2.09 9.51 7.41
C GLU B 46 1.45 9.59 6.03
N ASP B 47 1.28 8.44 5.35
CA ASP B 47 0.65 8.44 4.04
C ASP B 47 -0.81 8.80 4.11
N THR B 48 -1.46 8.39 5.19
CA THR B 48 -2.87 8.70 5.41
C THR B 48 -3.03 10.23 5.51
N ASN B 49 -2.15 10.85 6.27
CA ASN B 49 -2.13 12.30 6.40
C ASN B 49 -1.86 13.02 5.09
N LEU B 50 -0.89 12.52 4.33
CA LEU B 50 -0.53 13.07 3.03
C LEU B 50 -1.76 13.01 2.11
N CYS B 51 -2.47 11.89 2.15
CA CYS B 51 -3.68 11.74 1.38
C CYS B 51 -4.67 12.84 1.74
N ALA B 52 -4.93 13.01 3.03
CA ALA B 52 -5.88 14.02 3.48
C ALA B 52 -5.44 15.43 2.99
N ILE B 53 -4.18 15.76 3.21
CA ILE B 53 -3.66 17.06 2.81
C ILE B 53 -3.85 17.29 1.31
N HIS B 54 -3.61 16.26 0.49
CA HIS B 54 -3.78 16.42 -0.94
C HIS B 54 -5.25 16.57 -1.30
N ALA B 55 -6.13 16.03 -0.47
CA ALA B 55 -7.56 16.20 -0.67
C ALA B 55 -8.03 17.55 -0.12
N LYS B 56 -7.10 18.35 0.42
CA LYS B 56 -7.45 19.61 1.05
C LYS B 56 -8.37 19.44 2.29
N ARG B 57 -8.18 18.34 3.03
CA ARG B 57 -8.89 18.14 4.31
C ARG B 57 -7.87 18.11 5.46
N VAL B 58 -8.34 18.34 6.68
CA VAL B 58 -7.48 18.22 7.85
C VAL B 58 -7.81 16.98 8.67
N THR B 59 -9.00 16.41 8.47
CA THR B 59 -9.45 15.25 9.19
C THR B 59 -9.22 13.96 8.38
N ILE B 60 -8.43 13.03 8.91
CA ILE B 60 -8.25 11.76 8.19
C ILE B 60 -9.48 10.86 8.38
N MET B 61 -9.87 10.19 7.30
CA MET B 61 -11.05 9.33 7.26
C MET B 61 -10.63 7.87 6.97
N PRO B 62 -11.53 6.92 7.19
CA PRO B 62 -11.20 5.56 6.76
C PRO B 62 -10.74 5.49 5.30
N LYS B 63 -11.32 6.28 4.42
CA LYS B 63 -10.90 6.21 3.01
C LYS B 63 -9.42 6.59 2.84
N ASP B 64 -8.92 7.53 3.64
CA ASP B 64 -7.50 7.89 3.60
C ASP B 64 -6.57 6.74 3.98
N ILE B 65 -6.96 5.93 4.96
CA ILE B 65 -6.20 4.73 5.31
C ILE B 65 -6.34 3.68 4.23
N GLN B 66 -7.53 3.54 3.67
CA GLN B 66 -7.72 2.55 2.62
C GLN B 66 -6.82 2.92 1.40
N LEU B 67 -6.81 4.20 1.01
CA LEU B 67 -6.01 4.62 -0.13
C LEU B 67 -4.51 4.55 0.17
N ALA B 68 -4.12 4.88 1.41
CA ALA B 68 -2.70 4.83 1.77
C ALA B 68 -2.22 3.38 1.67
N ARG B 69 -3.10 2.44 1.98
CA ARG B 69 -2.72 1.05 1.74
C ARG B 69 -2.55 0.71 0.26
N ARG B 70 -3.41 1.26 -0.61
CA ARG B 70 -3.26 1.03 -2.03
C ARG B 70 -1.92 1.64 -2.52
N ILE B 71 -1.66 2.89 -2.17
CA ILE B 71 -0.48 3.62 -2.65
C ILE B 71 0.84 3.08 -2.08
N ARG B 72 0.77 2.40 -0.93
CA ARG B 72 1.92 1.65 -0.39
C ARG B 72 2.02 0.32 -1.08
N GLY B 73 1.16 0.12 -2.06
CA GLY B 73 1.17 -1.12 -2.82
C GLY B 73 1.05 -2.36 -1.97
N GLU B 74 0.16 -2.34 -0.98
CA GLU B 74 -0.12 -3.56 -0.25
C GLU B 74 -0.93 -4.45 -1.19
N ARG B 75 -0.49 -5.70 -1.32
CA ARG B 75 -1.12 -6.66 -2.24
C ARG B 75 -2.37 -7.29 -1.59
N ALA B 76 -3.53 -6.62 -1.74
CA ALA B 76 -4.78 -7.02 -1.05
C ALA B 76 -5.20 -8.49 -1.27
N LYS C 1 -18.88 -10.16 16.36
CA LYS C 1 -20.04 -10.94 16.87
C LYS C 1 -19.80 -11.44 18.31
N VAL C 2 -18.78 -12.28 18.51
CA VAL C 2 -18.45 -12.81 19.85
C VAL C 2 -17.16 -12.21 20.43
N LEU C 3 -16.95 -12.40 21.73
CA LEU C 3 -15.89 -11.69 22.43
C LEU C 3 -14.48 -11.90 21.84
N ARG C 4 -14.13 -13.15 21.52
CA ARG C 4 -12.82 -13.48 20.94
C ARG C 4 -12.49 -12.69 19.65
N ASP C 5 -13.52 -12.48 18.82
CA ASP C 5 -13.38 -11.65 17.63
C ASP C 5 -12.98 -10.22 17.95
N ASN C 6 -13.36 -9.73 19.12
CA ASN C 6 -13.13 -8.32 19.45
C ASN C 6 -11.92 -8.01 20.34
N ILE C 7 -11.03 -8.98 20.48
CA ILE C 7 -9.84 -8.76 21.29
C ILE C 7 -8.96 -7.81 20.51
N GLN C 8 -8.37 -6.83 21.19
CA GLN C 8 -7.56 -5.84 20.50
C GLN C 8 -6.18 -5.74 21.12
N GLY C 9 -5.21 -5.27 20.37
CA GLY C 9 -3.85 -5.20 20.90
C GLY C 9 -3.34 -3.78 20.99
N ILE C 10 -4.20 -2.81 20.68
CA ILE C 10 -3.82 -1.41 20.75
C ILE C 10 -5.01 -0.57 21.23
N THR C 11 -4.77 0.21 22.29
CA THR C 11 -5.82 1.06 22.86
C THR C 11 -6.11 2.29 22.01
N LYS C 12 -7.26 2.92 22.27
CA LYS C 12 -7.58 4.19 21.63
C LYS C 12 -6.56 5.30 21.91
N PRO C 13 -6.12 5.46 23.18
CA PRO C 13 -5.06 6.48 23.34
C PRO C 13 -3.79 6.14 22.58
N ALA C 14 -3.44 4.85 22.47
CA ALA C 14 -2.28 4.44 21.67
C ALA C 14 -2.44 4.73 20.17
N ILE C 15 -3.60 4.48 19.60
CA ILE C 15 -3.85 4.86 18.21
C ILE C 15 -3.74 6.38 18.02
N ARG C 16 -4.26 7.15 18.99
CA ARG C 16 -4.08 8.61 18.93
C ARG C 16 -2.60 9.03 19.02
N ARG C 17 -1.79 8.36 19.84
CA ARG C 17 -0.34 8.69 19.89
C ARG C 17 0.38 8.39 18.57
N LEU C 18 0.09 7.22 18.00
CA LEU C 18 0.67 6.81 16.74
C LEU C 18 0.25 7.75 15.63
N ALA C 19 -1.01 8.16 15.62
CA ALA C 19 -1.44 9.10 14.57
C ALA C 19 -0.73 10.44 14.71
N ARG C 20 -0.59 10.94 15.94
CA ARG C 20 0.17 12.17 16.14
C ARG C 20 1.62 12.03 15.69
N ARG C 21 2.19 10.83 15.92
CA ARG C 21 3.59 10.54 15.60
C ARG C 21 3.71 10.61 14.10
N GLY C 22 2.66 10.21 13.39
CA GLY C 22 2.65 10.27 11.93
C GLY C 22 2.26 11.63 11.34
N GLY C 23 2.22 12.67 12.18
CA GLY C 23 1.86 14.02 11.72
C GLY C 23 0.35 14.28 11.60
N VAL C 24 -0.49 13.31 11.93
CA VAL C 24 -1.92 13.54 11.85
C VAL C 24 -2.39 14.60 12.87
N LYS C 25 -3.38 15.40 12.52
CA LYS C 25 -3.94 16.42 13.40
C LYS C 25 -5.38 16.15 13.87
N ARG C 26 -6.18 15.48 13.05
CA ARG C 26 -7.58 15.27 13.43
C ARG C 26 -7.98 13.97 12.81
N ILE C 27 -8.82 13.22 13.53
CA ILE C 27 -9.31 11.97 13.00
C ILE C 27 -10.81 11.86 13.13
N SER C 28 -11.40 11.10 12.23
CA SER C 28 -12.76 10.64 12.39
C SER C 28 -12.78 9.53 13.46
N GLY C 29 -13.91 9.39 14.16
CA GLY C 29 -14.12 8.28 15.12
C GLY C 29 -13.99 6.90 14.49
N LEU C 30 -14.19 6.79 13.17
CA LEU C 30 -14.11 5.48 12.50
C LEU C 30 -12.65 4.99 12.29
N ILE C 31 -11.67 5.86 12.58
CA ILE C 31 -10.27 5.56 12.40
C ILE C 31 -9.81 4.40 13.30
N TYR C 32 -10.34 4.37 14.52
CA TYR C 32 -9.98 3.35 15.49
C TYR C 32 -10.16 1.92 15.00
N GLU C 33 -11.35 1.62 14.46
N GLU C 33 -11.35 1.60 14.50
CA GLU C 33 -11.66 0.27 14.00
CA GLU C 33 -11.63 0.27 14.00
C GLU C 33 -11.01 -0.05 12.65
C GLU C 33 -10.82 -0.01 12.74
N GLU C 34 -10.72 0.99 11.89
CA GLU C 34 -10.02 0.83 10.63
C GLU C 34 -8.52 0.53 10.89
N THR C 35 -7.92 1.24 11.82
CA THR C 35 -6.50 1.04 12.18
C THR C 35 -6.32 -0.38 12.76
N ARG C 36 -7.30 -0.83 13.54
CA ARG C 36 -7.21 -2.12 14.18
C ARG C 36 -7.28 -3.27 13.17
N GLY C 37 -8.13 -3.13 12.15
CA GLY C 37 -8.25 -4.15 11.13
C GLY C 37 -6.97 -4.23 10.28
N VAL C 38 -6.36 -3.09 10.06
CA VAL C 38 -5.12 -3.00 9.32
C VAL C 38 -3.97 -3.60 10.11
N LEU C 39 -3.93 -3.36 11.42
CA LEU C 39 -2.89 -3.93 12.25
C LEU C 39 -3.03 -5.47 12.26
N LYS C 40 -4.27 -5.95 12.38
CA LYS C 40 -4.52 -7.37 12.35
C LYS C 40 -4.03 -8.09 11.08
N VAL C 41 -4.26 -7.50 9.89
CA VAL C 41 -3.78 -8.12 8.65
C VAL C 41 -2.25 -8.16 8.65
N PHE C 42 -1.60 -7.09 9.11
CA PHE C 42 -0.15 -7.06 9.22
C PHE C 42 0.40 -8.18 10.13
N LEU C 43 -0.18 -8.30 11.29
CA LEU C 43 0.24 -9.29 12.26
C LEU C 43 0.01 -10.69 11.75
N GLU C 44 -1.15 -10.96 11.15
CA GLU C 44 -1.42 -12.27 10.60
C GLU C 44 -0.34 -12.63 9.58
N ASN C 45 0.01 -11.69 8.71
CA ASN C 45 1.02 -11.98 7.66
C ASN C 45 2.36 -12.32 8.23
N VAL C 46 2.87 -11.49 9.16
CA VAL C 46 4.16 -11.72 9.78
C VAL C 46 4.16 -12.99 10.64
N ILE C 47 3.12 -13.18 11.42
CA ILE C 47 3.11 -14.27 12.36
C ILE C 47 3.03 -15.60 11.63
N ARG C 48 2.27 -15.65 10.54
CA ARG C 48 2.18 -16.88 9.73
C ARG C 48 3.58 -17.32 9.30
N ASP C 49 4.34 -16.41 8.70
CA ASP C 49 5.74 -16.69 8.36
C ASP C 49 6.62 -17.07 9.56
N ALA C 50 6.62 -16.23 10.61
CA ALA C 50 7.40 -16.54 11.82
C ALA C 50 7.14 -17.97 12.35
N VAL C 51 5.88 -18.36 12.40
CA VAL C 51 5.49 -19.67 12.87
C VAL C 51 5.99 -20.78 11.93
N THR C 52 5.86 -20.57 10.63
CA THR C 52 6.41 -21.53 9.69
C THR C 52 7.89 -21.78 9.96
N TYR C 53 8.66 -20.71 10.12
CA TYR C 53 10.09 -20.86 10.41
C TYR C 53 10.32 -21.62 11.69
N THR C 54 9.50 -21.32 12.69
CA THR C 54 9.62 -21.96 14.01
C THR C 54 9.37 -23.47 13.87
N GLU C 55 8.37 -23.84 13.07
CA GLU C 55 8.00 -25.25 12.97
C GLU C 55 9.06 -26.04 12.22
N HIS C 56 9.68 -25.43 11.21
CA HIS C 56 10.68 -26.15 10.44
C HIS C 56 11.96 -26.32 11.25
N ALA C 57 12.19 -25.41 12.18
CA ALA C 57 13.35 -25.52 13.06
C ALA C 57 13.05 -26.39 14.31
N LYS C 58 11.84 -26.92 14.38
CA LYS C 58 11.39 -27.66 15.56
C LYS C 58 11.57 -26.93 16.90
N ARG C 59 11.52 -25.59 16.94
CA ARG C 59 11.79 -24.92 18.21
C ARG C 59 10.59 -25.04 19.15
N LYS C 60 10.85 -24.92 20.44
CA LYS C 60 9.77 -24.87 21.43
C LYS C 60 8.93 -23.57 21.31
N THR C 61 9.60 -22.44 21.16
CA THR C 61 8.90 -21.16 21.10
C THR C 61 9.38 -20.36 19.90
N VAL C 62 8.57 -19.39 19.47
CA VAL C 62 8.96 -18.46 18.41
C VAL C 62 10.04 -17.51 18.93
N THR C 63 11.15 -17.42 18.20
CA THR C 63 12.29 -16.61 18.60
C THR C 63 12.34 -15.30 17.82
N ALA C 64 13.15 -14.37 18.32
CA ALA C 64 13.39 -13.08 17.68
C ALA C 64 13.87 -13.27 16.26
N MET C 65 14.76 -14.22 16.01
N MET C 65 14.75 -14.25 16.08
CA MET C 65 15.24 -14.35 14.64
CA MET C 65 15.29 -14.59 14.76
C MET C 65 14.22 -14.96 13.64
C MET C 65 14.16 -14.81 13.74
N ASP C 66 13.15 -15.60 14.13
CA ASP C 66 12.06 -15.99 13.21
C ASP C 66 11.23 -14.75 12.80
N VAL C 67 10.96 -13.88 13.77
CA VAL C 67 10.21 -12.67 13.52
C VAL C 67 11.02 -11.70 12.65
N VAL C 68 12.29 -11.47 12.99
CA VAL C 68 13.15 -10.59 12.22
C VAL C 68 13.18 -11.02 10.74
N TYR C 69 13.29 -12.32 10.48
CA TYR C 69 13.28 -12.77 9.10
C TYR C 69 11.92 -12.59 8.46
N ALA C 70 10.86 -12.94 9.17
CA ALA C 70 9.52 -12.72 8.67
C ALA C 70 9.31 -11.24 8.26
N LEU C 71 9.82 -10.30 9.06
CA LEU C 71 9.66 -8.87 8.77
C LEU C 71 10.39 -8.47 7.50
N LYS C 72 11.55 -9.10 7.22
CA LYS C 72 12.26 -8.84 5.98
C LYS C 72 11.46 -9.27 4.75
N ARG C 73 10.50 -10.18 4.92
CA ARG C 73 9.73 -10.64 3.77
C ARG C 73 8.61 -9.66 3.42
N GLN C 74 8.39 -8.66 4.26
CA GLN C 74 7.38 -7.63 3.99
C GLN C 74 7.94 -6.59 3.02
N PRO C 75 7.20 -6.26 1.96
CA PRO C 75 7.64 -5.20 1.04
C PRO C 75 7.99 -3.88 1.76
N ARG C 76 8.99 -3.16 1.28
CA ARG C 76 9.28 -1.82 1.82
C ARG C 76 8.87 -0.73 0.83
N THR C 77 8.27 0.33 1.32
CA THR C 77 7.78 1.41 0.47
C THR C 77 8.70 2.59 0.65
N LEU C 78 9.34 3.05 -0.42
CA LEU C 78 10.22 4.22 -0.36
C LEU C 78 9.61 5.47 -1.00
N TYR C 79 10.29 6.59 -0.83
CA TYR C 79 9.72 7.89 -1.19
C TYR C 79 10.14 8.43 -2.55
N GLY C 80 11.06 7.75 -3.21
CA GLY C 80 11.39 8.16 -4.55
C GLY C 80 11.95 6.96 -5.26
N PHE C 81 12.76 7.22 -6.28
CA PHE C 81 13.32 6.16 -7.08
C PHE C 81 14.76 5.91 -6.69
N GLY C 82 15.16 4.63 -6.74
CA GLY C 82 16.49 4.21 -6.26
C GLY C 82 16.60 4.30 -4.74
N GLY C 83 16.91 3.16 -4.10
CA GLY C 83 17.08 3.12 -2.64
C GLY C 83 17.43 1.75 -2.07
C ACT D . 8.99 -25.89 1.25
O ACT D . 9.49 -26.96 1.65
OXT ACT D . 8.65 -25.11 2.17
CH3 ACT D . 8.84 -25.59 -0.22
C1 GOL E . -10.00 -17.68 23.92
O1 GOL E . -8.63 -17.42 23.70
C2 GOL E . -10.76 -16.41 24.27
O2 GOL E . -9.94 -15.53 25.01
C3 GOL E . -11.99 -16.77 25.10
O3 GOL E . -13.15 -16.23 24.51
C ACT F . 3.03 -15.03 23.56
O ACT F . 3.35 -14.62 24.71
OXT ACT F . 3.06 -16.28 23.42
CH3 ACT F . 2.65 -14.07 22.45
#